data_5DZW
#
_entry.id   5DZW
#
_cell.length_a   74.480
_cell.length_b   56.310
_cell.length_c   173.670
_cell.angle_alpha   90.00
_cell.angle_beta   99.05
_cell.angle_gamma   90.00
#
_symmetry.space_group_name_H-M   'C 1 2 1'
#
loop_
_entity.id
_entity.type
_entity.pdbx_description
1 polymer 'Protocadherin alpha-4'
2 non-polymer alpha-D-mannopyranose
3 non-polymer 2-acetamido-2-deoxy-beta-D-glucopyranose
4 non-polymer 'CALCIUM ION'
5 water water
#
_entity_poly.entity_id   1
_entity_poly.type   'polypeptide(L)'
_entity_poly.pdbx_seq_one_letter_code
;QIHYSIPEEAKHGTFVGRIAQDLGLELTELVPRLFRVASKDRGDLLEVNLQNGILFVNSRIDREELCGRSAECSIHLEVI
VDRPLQVFHVEVEVRDINDNPPRFPTTQKNLFIAESRPLDTWFPLEGASDADIGINAVLTYRLSPNDYFSLEKPSNDERV
KGLGLVLRKSLDREETPEIILVLTVTDGGKPELTGSVQLLITVLDANDNAPVFDRSLYTVKLPENVPNGTLVVKVNASDL
DEGVNGDIMYSFSTDISPNVKYKFHIDPVSGEIIVKGYIDFEECKSYEILIEGIDKGQLPLSGHCKVIVQVEDINDNVPE
LEFKSLSLPIRENSPVGTVIALISVSDRDTGVNGQVTCSLTSHVPFKLVSTFKNYYSLVLDSALDRETTADYKVVVTARD
GGSPSLWATASVSVEVADVNDHHHHHHHH
;
_entity_poly.pdbx_strand_id   A
#
loop_
_chem_comp.id
_chem_comp.type
_chem_comp.name
_chem_comp.formula
CA non-polymer 'CALCIUM ION' 'Ca 2'
MAN D-saccharide, alpha linking alpha-D-mannopyranose 'C6 H12 O6'
NAG D-saccharide, beta linking 2-acetamido-2-deoxy-beta-D-glucopyranose 'C8 H15 N O6'
#
# COMPACT_ATOMS: atom_id res chain seq x y z
N GLN A 1 -36.16 -66.43 -0.25
CA GLN A 1 -35.89 -65.03 0.09
C GLN A 1 -36.97 -64.46 1.01
N ILE A 2 -36.60 -64.24 2.28
CA ILE A 2 -37.49 -63.52 3.20
C ILE A 2 -36.80 -62.25 3.68
N HIS A 3 -37.50 -61.13 3.56
CA HIS A 3 -36.88 -59.81 3.78
C HIS A 3 -37.33 -59.12 5.07
N TYR A 4 -36.34 -58.69 5.85
CA TYR A 4 -36.59 -57.88 7.04
C TYR A 4 -35.94 -56.50 6.89
N SER A 5 -36.17 -55.62 7.84
CA SER A 5 -35.63 -54.26 7.77
C SER A 5 -35.46 -53.62 9.14
N ILE A 6 -34.23 -53.26 9.48
CA ILE A 6 -33.95 -52.61 10.76
C ILE A 6 -33.06 -51.38 10.59
N PRO A 7 -33.22 -50.38 11.48
CA PRO A 7 -32.29 -49.25 11.53
C PRO A 7 -30.99 -49.65 12.22
N GLU A 8 -29.87 -49.09 11.76
CA GLU A 8 -28.56 -49.38 12.33
C GLU A 8 -28.45 -48.96 13.79
N GLU A 9 -27.33 -49.32 14.42
CA GLU A 9 -27.00 -48.91 15.78
C GLU A 9 -28.12 -49.24 16.77
N ALA A 10 -28.81 -50.35 16.53
CA ALA A 10 -29.95 -50.73 17.35
C ALA A 10 -29.49 -51.24 18.72
N LYS A 11 -30.40 -51.15 19.69
CA LYS A 11 -30.13 -51.64 21.04
C LYS A 11 -29.97 -53.16 21.02
N HIS A 12 -29.13 -53.67 21.93
CA HIS A 12 -28.90 -55.11 22.04
C HIS A 12 -30.18 -55.86 22.36
N GLY A 13 -30.56 -56.80 21.50
CA GLY A 13 -31.76 -57.58 21.70
C GLY A 13 -32.97 -56.99 21.00
N THR A 14 -32.71 -56.22 19.94
CA THR A 14 -33.79 -55.58 19.20
C THR A 14 -34.50 -56.59 18.31
N PHE A 15 -35.82 -56.63 18.42
CA PHE A 15 -36.64 -57.57 17.67
C PHE A 15 -36.54 -57.33 16.16
N VAL A 16 -35.84 -58.22 15.47
CA VAL A 16 -35.75 -58.15 14.02
C VAL A 16 -36.98 -58.79 13.37
N GLY A 17 -37.35 -59.96 13.86
CA GLY A 17 -38.51 -60.66 13.35
C GLY A 17 -38.55 -62.13 13.73
N ARG A 18 -39.75 -62.67 13.89
CA ARG A 18 -39.93 -64.09 14.18
C ARG A 18 -39.54 -64.92 12.97
N ILE A 19 -38.27 -65.30 12.90
CA ILE A 19 -37.71 -65.96 11.73
C ILE A 19 -38.21 -67.41 11.59
N ALA A 20 -38.49 -68.06 12.71
CA ALA A 20 -38.93 -69.46 12.69
C ALA A 20 -40.27 -69.61 12.00
N GLN A 21 -41.27 -68.88 12.48
CA GLN A 21 -42.61 -68.94 11.91
C GLN A 21 -42.63 -68.51 10.45
N ASP A 22 -41.92 -67.43 10.14
CA ASP A 22 -41.88 -66.89 8.80
C ASP A 22 -41.22 -67.85 7.81
N LEU A 23 -40.37 -68.74 8.32
CA LEU A 23 -39.77 -69.78 7.50
C LEU A 23 -40.65 -71.02 7.46
N GLY A 24 -41.82 -70.92 8.06
CA GLY A 24 -42.77 -72.02 8.07
C GLY A 24 -42.44 -73.11 9.06
N LEU A 25 -41.38 -72.91 9.83
CA LEU A 25 -40.94 -73.90 10.81
C LEU A 25 -41.78 -73.82 12.08
N GLU A 26 -41.64 -74.82 12.93
CA GLU A 26 -42.37 -74.88 14.20
C GLU A 26 -41.42 -74.93 15.38
N LEU A 27 -41.90 -74.54 16.56
CA LEU A 27 -41.03 -74.36 17.73
C LEU A 27 -40.34 -75.65 18.18
N THR A 28 -41.09 -76.75 18.21
CA THR A 28 -40.53 -78.03 18.64
C THR A 28 -39.62 -78.63 17.58
N GLU A 29 -39.54 -77.97 16.44
CA GLU A 29 -38.75 -78.44 15.32
C GLU A 29 -37.36 -77.78 15.31
N LEU A 30 -37.26 -76.60 15.93
CA LEU A 30 -36.04 -75.80 15.90
C LEU A 30 -34.86 -76.46 16.62
N VAL A 31 -35.09 -76.84 17.87
CA VAL A 31 -34.03 -77.41 18.70
C VAL A 31 -33.46 -78.74 18.20
N PRO A 32 -34.32 -79.71 17.84
CA PRO A 32 -33.73 -80.99 17.42
C PRO A 32 -33.00 -80.92 16.08
N ARG A 33 -33.39 -79.98 15.22
CA ARG A 33 -32.78 -79.87 13.90
C ARG A 33 -31.58 -78.94 13.90
N LEU A 34 -31.18 -78.50 15.10
CA LEU A 34 -30.06 -77.59 15.28
C LEU A 34 -30.23 -76.34 14.41
N PHE A 35 -31.32 -75.62 14.68
CA PHE A 35 -31.64 -74.40 13.95
C PHE A 35 -30.51 -73.38 14.05
N ARG A 36 -29.81 -73.16 12.94
CA ARG A 36 -28.64 -72.28 12.94
C ARG A 36 -28.81 -71.09 12.00
N VAL A 37 -28.19 -69.98 12.37
CA VAL A 37 -28.20 -68.78 11.55
C VAL A 37 -26.79 -68.22 11.43
N ALA A 38 -26.35 -68.00 10.20
CA ALA A 38 -25.01 -67.45 9.97
C ALA A 38 -25.06 -66.26 9.01
N SER A 39 -24.09 -65.37 9.15
CA SER A 39 -23.98 -64.21 8.26
C SER A 39 -23.02 -64.53 7.12
N LYS A 40 -23.09 -63.75 6.05
CA LYS A 40 -22.28 -64.01 4.87
C LYS A 40 -20.81 -63.68 5.08
N ASP A 41 -20.52 -62.45 5.49
CA ASP A 41 -19.14 -62.01 5.67
C ASP A 41 -18.93 -61.28 7.00
N ARG A 42 -20.01 -60.80 7.59
CA ARG A 42 -19.93 -59.95 8.77
C ARG A 42 -19.55 -60.74 10.02
N GLY A 43 -20.52 -61.39 10.63
CA GLY A 43 -20.27 -62.16 11.84
C GLY A 43 -21.48 -62.26 12.74
N ASP A 44 -21.24 -62.21 14.05
CA ASP A 44 -22.33 -62.33 15.03
C ASP A 44 -23.08 -61.02 15.23
N LEU A 45 -23.67 -60.51 14.15
CA LEU A 45 -24.47 -59.30 14.23
C LEU A 45 -25.89 -59.62 14.67
N LEU A 46 -26.42 -60.73 14.19
CA LEU A 46 -27.77 -61.16 14.54
C LEU A 46 -27.78 -62.55 15.15
N GLU A 47 -28.70 -62.80 16.06
CA GLU A 47 -28.78 -64.08 16.76
C GLU A 47 -30.23 -64.55 16.87
N VAL A 48 -30.46 -65.84 17.00
CA VAL A 48 -31.81 -66.38 17.11
C VAL A 48 -32.04 -67.11 18.43
N ASN A 49 -33.10 -66.73 19.14
CA ASN A 49 -33.54 -67.51 20.29
C ASN A 49 -34.51 -68.59 19.86
N LEU A 50 -34.19 -69.83 20.21
CA LEU A 50 -34.90 -71.00 19.72
C LEU A 50 -36.24 -71.25 20.41
N GLN A 51 -36.34 -70.86 21.68
CA GLN A 51 -37.55 -71.06 22.45
C GLN A 51 -38.73 -70.29 21.86
N ASN A 52 -38.47 -69.11 21.33
CA ASN A 52 -39.54 -68.30 20.72
C ASN A 52 -39.34 -68.14 19.21
N GLY A 53 -38.22 -68.63 18.71
CA GLY A 53 -37.91 -68.53 17.29
C GLY A 53 -37.74 -67.09 16.86
N ILE A 54 -37.06 -66.29 17.67
CA ILE A 54 -36.92 -64.87 17.38
C ILE A 54 -35.53 -64.46 16.92
N LEU A 55 -35.47 -63.83 15.75
CA LEU A 55 -34.24 -63.24 15.25
C LEU A 55 -34.10 -61.82 15.80
N PHE A 56 -32.94 -61.52 16.37
CA PHE A 56 -32.73 -60.24 17.04
C PHE A 56 -31.31 -59.72 16.85
N VAL A 57 -31.11 -58.45 17.16
CA VAL A 57 -29.80 -57.82 17.06
C VAL A 57 -28.89 -58.28 18.18
N ASN A 58 -27.76 -58.90 17.81
CA ASN A 58 -26.85 -59.46 18.79
C ASN A 58 -25.77 -58.47 19.21
N SER A 59 -25.00 -57.98 18.24
CA SER A 59 -23.95 -56.99 18.52
C SER A 59 -24.25 -55.67 17.81
N ARG A 60 -23.39 -54.68 18.04
CA ARG A 60 -23.56 -53.36 17.45
C ARG A 60 -23.46 -53.41 15.93
N ILE A 61 -24.50 -52.95 15.26
CA ILE A 61 -24.53 -52.92 13.81
C ILE A 61 -24.27 -51.51 13.28
N ASP A 62 -23.01 -51.22 12.98
CA ASP A 62 -22.62 -49.92 12.45
C ASP A 62 -22.66 -49.95 10.93
N ARG A 63 -23.64 -49.27 10.35
CA ARG A 63 -23.90 -49.33 8.92
C ARG A 63 -22.70 -48.87 8.08
N GLU A 64 -22.11 -47.75 8.45
CA GLU A 64 -21.01 -47.16 7.69
C GLU A 64 -19.77 -48.03 7.70
N GLU A 65 -19.69 -48.95 8.67
CA GLU A 65 -18.56 -49.86 8.75
C GLU A 65 -18.79 -51.08 7.88
N LEU A 66 -20.02 -51.25 7.42
CA LEU A 66 -20.38 -52.36 6.56
C LEU A 66 -20.42 -51.95 5.09
N CYS A 67 -21.48 -51.26 4.71
CA CYS A 67 -21.68 -50.85 3.32
C CYS A 67 -20.84 -49.61 2.99
N GLY A 68 -20.55 -48.82 4.01
CA GLY A 68 -19.74 -47.62 3.84
C GLY A 68 -20.50 -46.50 3.16
N ARG A 69 -20.01 -46.08 2.01
CA ARG A 69 -20.63 -45.01 1.23
C ARG A 69 -21.68 -45.56 0.28
N SER A 70 -21.96 -46.86 0.38
CA SER A 70 -22.95 -47.52 -0.47
C SER A 70 -24.36 -47.12 -0.08
N ALA A 71 -25.24 -47.01 -1.07
CA ALA A 71 -26.63 -46.61 -0.84
C ALA A 71 -27.42 -47.74 -0.18
N GLU A 72 -27.34 -48.94 -0.74
CA GLU A 72 -28.06 -50.08 -0.22
C GLU A 72 -27.21 -50.87 0.76
N CYS A 73 -27.80 -51.20 1.90
CA CYS A 73 -27.13 -52.03 2.90
C CYS A 73 -28.07 -53.08 3.46
N SER A 74 -27.60 -54.32 3.52
CA SER A 74 -28.40 -55.41 4.04
C SER A 74 -27.52 -56.57 4.50
N ILE A 75 -27.82 -57.09 5.69
CA ILE A 75 -27.15 -58.28 6.19
C ILE A 75 -27.82 -59.52 5.61
N HIS A 76 -27.01 -60.39 5.04
CA HIS A 76 -27.52 -61.63 4.46
C HIS A 76 -27.31 -62.80 5.41
N LEU A 77 -28.41 -63.31 5.95
CA LEU A 77 -28.37 -64.46 6.84
C LEU A 77 -28.80 -65.73 6.12
N GLU A 78 -27.92 -66.73 6.15
CA GLU A 78 -28.24 -68.07 5.69
C GLU A 78 -28.66 -68.91 6.89
N VAL A 79 -29.76 -69.64 6.73
CA VAL A 79 -30.32 -70.42 7.81
C VAL A 79 -30.21 -71.91 7.51
N ILE A 80 -29.69 -72.67 8.47
CA ILE A 80 -29.51 -74.09 8.27
C ILE A 80 -30.26 -74.92 9.30
N VAL A 81 -31.04 -75.88 8.82
CA VAL A 81 -31.65 -76.87 9.71
C VAL A 81 -31.23 -78.26 9.22
N ASP A 82 -31.30 -79.25 10.11
CA ASP A 82 -30.90 -80.60 9.76
C ASP A 82 -32.08 -81.57 9.87
N ARG A 83 -31.86 -82.80 9.39
CA ARG A 83 -32.84 -83.88 9.50
C ARG A 83 -34.25 -83.53 9.04
N PRO A 84 -34.45 -83.37 7.72
CA PRO A 84 -33.43 -83.36 6.66
C PRO A 84 -32.76 -81.99 6.58
N LEU A 85 -31.59 -81.92 5.94
CA LEU A 85 -30.85 -80.66 5.87
C LEU A 85 -31.50 -79.68 4.90
N GLN A 86 -32.03 -78.60 5.42
CA GLN A 86 -32.63 -77.55 4.60
C GLN A 86 -31.93 -76.21 4.81
N VAL A 87 -31.84 -75.43 3.74
CA VAL A 87 -31.18 -74.14 3.78
C VAL A 87 -32.10 -73.02 3.29
N PHE A 88 -32.26 -71.99 4.12
CA PHE A 88 -33.14 -70.87 3.80
C PHE A 88 -32.34 -69.56 3.71
N HIS A 89 -32.93 -68.54 3.10
CA HIS A 89 -32.25 -67.25 2.94
C HIS A 89 -33.10 -66.08 3.42
N VAL A 90 -32.56 -65.34 4.40
CA VAL A 90 -33.21 -64.14 4.91
C VAL A 90 -32.30 -62.93 4.78
N GLU A 91 -32.77 -61.91 4.09
CA GLU A 91 -31.99 -60.69 3.93
C GLU A 91 -32.64 -59.56 4.71
N VAL A 92 -31.87 -58.93 5.59
CA VAL A 92 -32.41 -57.86 6.43
C VAL A 92 -31.70 -56.54 6.15
N GLU A 93 -32.44 -55.57 5.61
CA GLU A 93 -31.84 -54.30 5.23
C GLU A 93 -31.46 -53.49 6.46
N VAL A 94 -30.40 -52.70 6.33
CA VAL A 94 -29.93 -51.84 7.41
C VAL A 94 -30.09 -50.38 7.02
N ARG A 95 -31.16 -49.76 7.49
CA ARG A 95 -31.47 -48.38 7.15
C ARG A 95 -30.52 -47.42 7.86
N ASP A 96 -30.23 -46.31 7.19
CA ASP A 96 -29.27 -45.33 7.69
C ASP A 96 -29.83 -44.47 8.81
N ILE A 97 -29.01 -44.23 9.83
CA ILE A 97 -29.36 -43.32 10.92
C ILE A 97 -28.38 -42.15 10.96
N ASN A 98 -28.92 -40.94 11.01
CA ASN A 98 -28.09 -39.74 11.04
C ASN A 98 -27.36 -39.59 12.37
N ASP A 99 -26.35 -40.43 12.58
CA ASP A 99 -25.60 -40.43 13.84
C ASP A 99 -24.18 -39.91 13.67
N ASN A 100 -23.89 -39.36 12.49
CA ASN A 100 -22.60 -38.73 12.23
C ASN A 100 -22.76 -37.30 11.70
N PRO A 101 -22.05 -36.35 12.32
CA PRO A 101 -22.10 -34.94 11.94
C PRO A 101 -21.20 -34.62 10.74
N PRO A 102 -21.55 -33.55 9.99
CA PRO A 102 -20.68 -33.06 8.91
C PRO A 102 -19.35 -32.56 9.46
N ARG A 103 -18.24 -33.14 9.01
CA ARG A 103 -16.93 -32.78 9.53
C ARG A 103 -16.03 -32.15 8.46
N PHE A 104 -15.35 -31.08 8.83
CA PHE A 104 -14.37 -30.44 7.97
C PHE A 104 -12.98 -30.99 8.24
N PRO A 105 -12.13 -31.04 7.21
CA PRO A 105 -10.73 -31.49 7.37
C PRO A 105 -9.98 -30.63 8.38
N THR A 106 -10.27 -29.33 8.39
CA THR A 106 -9.66 -28.42 9.34
C THR A 106 -10.73 -27.57 10.05
N THR A 107 -10.64 -27.49 11.37
CA THR A 107 -11.57 -26.68 12.15
C THR A 107 -11.29 -25.18 11.98
N GLN A 108 -10.04 -24.87 11.62
CA GLN A 108 -9.64 -23.49 11.37
C GLN A 108 -8.71 -23.45 10.16
N LYS A 109 -8.93 -22.46 9.30
CA LYS A 109 -8.23 -22.43 8.02
C LYS A 109 -7.68 -21.03 7.71
N ASN A 110 -6.36 -20.94 7.58
CA ASN A 110 -5.71 -19.69 7.23
C ASN A 110 -5.74 -19.44 5.72
N LEU A 111 -6.58 -18.51 5.30
CA LEU A 111 -6.69 -18.16 3.89
C LEU A 111 -5.89 -16.90 3.58
N PHE A 112 -5.26 -16.89 2.41
CA PHE A 112 -4.45 -15.75 1.99
C PHE A 112 -4.96 -15.18 0.67
N ILE A 113 -5.69 -14.08 0.77
CA ILE A 113 -6.34 -13.47 -0.39
C ILE A 113 -5.76 -12.10 -0.70
N ALA A 114 -5.40 -11.87 -1.97
CA ALA A 114 -4.74 -10.64 -2.38
C ALA A 114 -5.69 -9.44 -2.37
N GLU A 115 -5.12 -8.27 -2.08
CA GLU A 115 -5.89 -7.03 -2.07
C GLU A 115 -6.25 -6.59 -3.49
N SER A 116 -5.50 -7.10 -4.46
CA SER A 116 -5.69 -6.71 -5.85
C SER A 116 -6.71 -7.58 -6.58
N ARG A 117 -7.24 -8.58 -5.88
CA ARG A 117 -8.18 -9.53 -6.50
C ARG A 117 -9.46 -8.84 -6.97
N PRO A 118 -9.83 -9.08 -8.24
CA PRO A 118 -11.03 -8.50 -8.87
C PRO A 118 -12.32 -8.92 -8.18
N LEU A 119 -13.37 -8.12 -8.36
CA LEU A 119 -14.67 -8.44 -7.80
C LEU A 119 -15.32 -9.58 -8.60
N ASP A 120 -16.34 -10.19 -8.02
CA ASP A 120 -17.07 -11.30 -8.63
C ASP A 120 -16.14 -12.47 -8.96
N THR A 121 -15.16 -12.71 -8.09
CA THR A 121 -14.25 -13.83 -8.22
C THR A 121 -14.26 -14.65 -6.93
N TRP A 122 -14.44 -15.97 -7.06
CA TRP A 122 -14.59 -16.82 -5.89
C TRP A 122 -13.32 -17.63 -5.58
N PHE A 123 -13.08 -17.85 -4.30
CA PHE A 123 -11.92 -18.62 -3.84
C PHE A 123 -12.35 -20.03 -3.46
N PRO A 124 -11.56 -21.05 -3.84
CA PRO A 124 -11.87 -22.44 -3.52
C PRO A 124 -11.92 -22.69 -2.02
N LEU A 125 -13.12 -22.85 -1.49
CA LEU A 125 -13.31 -23.12 -0.07
C LEU A 125 -13.65 -24.60 0.12
N GLU A 126 -12.89 -25.28 0.99
CA GLU A 126 -13.06 -26.70 1.18
C GLU A 126 -14.41 -27.05 1.76
N GLY A 127 -14.99 -28.15 1.29
CA GLY A 127 -16.29 -28.61 1.77
C GLY A 127 -16.15 -29.66 2.84
N ALA A 128 -17.22 -29.89 3.59
CA ALA A 128 -17.23 -30.90 4.63
C ALA A 128 -17.63 -32.26 4.07
N SER A 129 -17.10 -33.32 4.68
CA SER A 129 -17.47 -34.68 4.28
C SER A 129 -18.40 -35.29 5.31
N ASP A 130 -19.18 -36.28 4.88
CA ASP A 130 -20.11 -36.96 5.77
C ASP A 130 -20.07 -38.46 5.54
N ALA A 131 -20.08 -39.22 6.63
CA ALA A 131 -20.01 -40.68 6.55
C ALA A 131 -21.35 -41.28 6.14
N ASP A 132 -22.44 -40.59 6.50
CA ASP A 132 -23.77 -41.07 6.21
C ASP A 132 -24.11 -40.92 4.73
N ILE A 133 -25.19 -41.56 4.31
CA ILE A 133 -25.61 -41.53 2.91
C ILE A 133 -27.11 -41.25 2.80
N GLY A 134 -27.48 -40.34 1.92
CA GLY A 134 -28.87 -40.01 1.68
C GLY A 134 -29.21 -38.60 2.12
N ILE A 135 -30.40 -38.43 2.69
CA ILE A 135 -30.82 -37.14 3.19
C ILE A 135 -29.96 -36.74 4.39
N ASN A 136 -29.46 -37.74 5.11
CA ASN A 136 -28.56 -37.51 6.23
C ASN A 136 -27.21 -36.97 5.77
N ALA A 137 -26.96 -37.06 4.47
CA ALA A 137 -25.70 -36.59 3.90
C ALA A 137 -25.87 -35.29 3.12
N VAL A 138 -27.12 -34.88 2.92
CA VAL A 138 -27.40 -33.63 2.22
C VAL A 138 -26.93 -32.45 3.06
N LEU A 139 -25.90 -31.75 2.57
CA LEU A 139 -25.26 -30.69 3.35
C LEU A 139 -25.79 -29.31 3.00
N THR A 140 -26.03 -28.51 4.03
CA THR A 140 -26.45 -27.12 3.86
C THR A 140 -25.42 -26.19 4.49
N TYR A 141 -24.94 -25.23 3.70
CA TYR A 141 -23.88 -24.33 4.13
C TYR A 141 -24.40 -22.96 4.53
N ARG A 142 -23.68 -22.30 5.43
CA ARG A 142 -24.06 -20.99 5.93
C ARG A 142 -22.83 -20.18 6.31
N LEU A 143 -22.70 -18.99 5.72
CA LEU A 143 -21.59 -18.10 6.02
C LEU A 143 -21.97 -17.10 7.10
N SER A 144 -21.00 -16.70 7.91
CA SER A 144 -21.21 -15.68 8.93
C SER A 144 -21.63 -14.36 8.27
N PRO A 145 -22.55 -13.62 8.91
CA PRO A 145 -23.07 -12.38 8.34
C PRO A 145 -22.01 -11.27 8.28
N ASN A 146 -21.09 -11.38 7.33
CA ASN A 146 -20.06 -10.35 7.16
C ASN A 146 -20.23 -9.61 5.84
N ASP A 147 -19.70 -8.39 5.77
CA ASP A 147 -19.96 -7.50 4.65
C ASP A 147 -19.00 -7.68 3.46
N TYR A 148 -17.77 -8.09 3.75
CA TYR A 148 -16.75 -8.18 2.71
C TYR A 148 -17.01 -9.32 1.72
N PHE A 149 -17.31 -10.50 2.24
CA PHE A 149 -17.49 -11.68 1.40
C PHE A 149 -18.92 -12.21 1.40
N SER A 150 -19.29 -12.91 0.33
CA SER A 150 -20.58 -13.59 0.27
C SER A 150 -20.37 -15.07 -0.06
N LEU A 151 -21.43 -15.86 0.07
CA LEU A 151 -21.33 -17.29 -0.17
C LEU A 151 -22.27 -17.73 -1.30
N GLU A 152 -21.79 -18.68 -2.10
CA GLU A 152 -22.60 -19.23 -3.19
C GLU A 152 -22.57 -20.75 -3.14
N LYS A 153 -23.72 -21.35 -2.85
CA LYS A 153 -23.84 -22.80 -2.74
C LYS A 153 -23.68 -23.50 -4.08
N PRO A 154 -22.93 -24.62 -4.10
CA PRO A 154 -22.69 -25.40 -5.32
C PRO A 154 -23.98 -25.94 -5.93
N SER A 155 -24.00 -26.10 -7.25
CA SER A 155 -25.16 -26.62 -7.96
C SER A 155 -24.80 -27.91 -8.70
N ASN A 156 -25.81 -28.73 -8.98
CA ASN A 156 -25.62 -29.99 -9.69
C ASN A 156 -25.22 -29.76 -11.15
N ASP A 157 -25.69 -28.66 -11.73
CA ASP A 157 -25.45 -28.35 -13.13
C ASP A 157 -23.95 -28.23 -13.44
N GLU A 158 -23.55 -28.78 -14.58
CA GLU A 158 -22.15 -28.74 -15.01
C GLU A 158 -21.72 -27.31 -15.33
N ARG A 159 -20.44 -27.14 -15.63
CA ARG A 159 -19.83 -25.83 -15.87
C ARG A 159 -19.87 -24.92 -14.63
N VAL A 160 -20.42 -25.43 -13.54
CA VAL A 160 -20.43 -24.73 -12.26
C VAL A 160 -20.01 -25.70 -11.16
N LYS A 161 -18.81 -25.49 -10.62
CA LYS A 161 -18.27 -26.39 -9.61
C LYS A 161 -17.47 -25.66 -8.53
N GLY A 162 -17.52 -26.19 -7.31
CA GLY A 162 -16.77 -25.63 -6.20
C GLY A 162 -17.62 -24.80 -5.25
N LEU A 163 -17.33 -24.92 -3.96
CA LEU A 163 -18.00 -24.13 -2.94
C LEU A 163 -17.65 -22.65 -3.10
N GLY A 164 -18.67 -21.82 -3.33
CA GLY A 164 -18.44 -20.43 -3.67
C GLY A 164 -18.20 -19.48 -2.52
N LEU A 165 -17.05 -18.81 -2.56
CA LEU A 165 -16.77 -17.69 -1.65
C LEU A 165 -16.52 -16.44 -2.49
N VAL A 166 -17.60 -15.72 -2.79
CA VAL A 166 -17.57 -14.66 -3.80
C VAL A 166 -17.26 -13.27 -3.24
N LEU A 167 -16.37 -12.58 -3.96
CA LEU A 167 -16.08 -11.16 -3.72
C LEU A 167 -17.15 -10.28 -4.36
N ARG A 168 -17.68 -9.33 -3.60
CA ARG A 168 -18.62 -8.37 -4.15
C ARG A 168 -18.28 -6.96 -3.68
N LYS A 169 -17.57 -6.87 -2.56
CA LYS A 169 -17.14 -5.59 -2.02
C LYS A 169 -15.62 -5.47 -2.09
N SER A 170 -15.13 -4.26 -2.35
CA SER A 170 -13.70 -4.00 -2.44
C SER A 170 -13.00 -4.29 -1.12
N LEU A 171 -11.70 -4.60 -1.20
CA LEU A 171 -10.93 -4.94 0.00
C LEU A 171 -9.67 -4.09 0.09
N ASP A 172 -9.35 -3.64 1.30
CA ASP A 172 -8.19 -2.80 1.53
C ASP A 172 -7.38 -3.29 2.74
N ARG A 173 -6.14 -3.67 2.49
CA ARG A 173 -5.25 -4.21 3.51
C ARG A 173 -5.00 -3.21 4.65
N GLU A 174 -4.84 -1.94 4.30
CA GLU A 174 -4.54 -0.91 5.28
C GLU A 174 -5.70 -0.64 6.23
N GLU A 175 -6.92 -0.70 5.70
CA GLU A 175 -8.11 -0.48 6.50
C GLU A 175 -8.37 -1.64 7.46
N THR A 176 -8.46 -2.85 6.92
CA THR A 176 -8.65 -4.05 7.73
C THR A 176 -7.65 -5.14 7.32
N PRO A 177 -6.65 -5.38 8.20
CA PRO A 177 -5.58 -6.35 7.92
C PRO A 177 -6.05 -7.81 7.90
N GLU A 178 -7.02 -8.17 8.75
CA GLU A 178 -7.52 -9.54 8.74
C GLU A 178 -9.04 -9.61 8.96
N ILE A 179 -9.66 -10.57 8.28
CA ILE A 179 -11.09 -10.81 8.42
C ILE A 179 -11.33 -12.25 8.87
N ILE A 180 -12.17 -12.41 9.89
CA ILE A 180 -12.48 -13.73 10.44
C ILE A 180 -13.90 -14.14 10.09
N LEU A 181 -14.03 -15.21 9.30
CA LEU A 181 -15.33 -15.72 8.90
C LEU A 181 -15.65 -17.02 9.63
N VAL A 182 -16.93 -17.35 9.71
CA VAL A 182 -17.36 -18.60 10.33
C VAL A 182 -18.28 -19.37 9.40
N LEU A 183 -17.89 -20.60 9.07
CA LEU A 183 -18.68 -21.43 8.16
C LEU A 183 -19.39 -22.54 8.93
N THR A 184 -20.72 -22.55 8.86
CA THR A 184 -21.52 -23.54 9.57
C THR A 184 -22.25 -24.45 8.59
N VAL A 185 -22.25 -25.75 8.85
CA VAL A 185 -22.89 -26.72 7.97
C VAL A 185 -23.84 -27.63 8.73
N THR A 186 -25.05 -27.79 8.21
CA THR A 186 -26.05 -28.67 8.81
C THR A 186 -26.55 -29.71 7.82
N ASP A 187 -26.64 -30.97 8.24
CA ASP A 187 -27.16 -32.02 7.39
C ASP A 187 -28.68 -31.89 7.25
N GLY A 188 -29.24 -32.57 6.25
CA GLY A 188 -30.66 -32.46 5.96
C GLY A 188 -31.52 -33.43 6.75
N GLY A 189 -30.90 -34.49 7.27
CA GLY A 189 -31.63 -35.50 8.02
C GLY A 189 -31.76 -35.14 9.49
N LYS A 190 -32.95 -35.35 10.04
CA LYS A 190 -33.21 -35.11 11.45
C LYS A 190 -32.87 -36.35 12.28
N PRO A 191 -32.24 -36.15 13.45
CA PRO A 191 -31.90 -34.85 14.06
C PRO A 191 -30.73 -34.16 13.37
N GLU A 192 -30.70 -32.83 13.44
CA GLU A 192 -29.70 -32.04 12.75
C GLU A 192 -28.35 -32.08 13.46
N LEU A 193 -27.28 -32.29 12.70
CA LEU A 193 -25.93 -32.21 13.23
C LEU A 193 -25.15 -31.12 12.51
N THR A 194 -24.28 -30.44 13.24
CA THR A 194 -23.61 -29.25 12.71
C THR A 194 -22.10 -29.41 12.57
N GLY A 195 -21.48 -28.45 11.90
CA GLY A 195 -20.04 -28.38 11.76
C GLY A 195 -19.58 -26.94 11.57
N SER A 196 -18.58 -26.52 12.34
CA SER A 196 -18.13 -25.13 12.30
C SER A 196 -16.68 -25.00 11.84
N VAL A 197 -16.38 -23.88 11.18
CA VAL A 197 -15.02 -23.60 10.72
C VAL A 197 -14.68 -22.12 10.90
N GLN A 198 -13.53 -21.86 11.52
CA GLN A 198 -13.04 -20.49 11.70
C GLN A 198 -12.04 -20.14 10.61
N LEU A 199 -12.52 -19.46 9.57
CA LEU A 199 -11.67 -19.02 8.47
C LEU A 199 -10.94 -17.73 8.82
N LEU A 200 -9.62 -17.81 8.93
CA LEU A 200 -8.80 -16.64 9.22
C LEU A 200 -8.15 -16.12 7.94
N ILE A 201 -8.72 -15.05 7.37
CA ILE A 201 -8.23 -14.52 6.12
C ILE A 201 -7.37 -13.27 6.32
N THR A 202 -6.11 -13.35 5.92
CA THR A 202 -5.21 -12.19 6.00
C THR A 202 -4.99 -11.60 4.61
N VAL A 203 -5.57 -10.43 4.36
CA VAL A 203 -5.45 -9.78 3.06
C VAL A 203 -4.01 -9.35 2.80
N LEU A 204 -3.50 -9.72 1.63
CA LEU A 204 -2.12 -9.45 1.28
C LEU A 204 -1.93 -8.00 0.83
N ASP A 205 -0.73 -7.47 1.07
CA ASP A 205 -0.45 -6.07 0.75
C ASP A 205 -0.20 -5.86 -0.75
N ALA A 206 -1.05 -5.06 -1.37
CA ALA A 206 -0.87 -4.69 -2.77
C ALA A 206 -0.24 -3.30 -2.86
N ASN A 207 0.41 -3.03 -3.98
CA ASN A 207 1.03 -1.72 -4.19
C ASN A 207 0.07 -0.74 -4.85
N ASP A 208 -0.96 -0.35 -4.10
CA ASP A 208 -2.01 0.49 -4.64
C ASP A 208 -2.08 1.85 -3.94
N ASN A 209 -1.05 2.18 -3.16
CA ASN A 209 -0.98 3.47 -2.51
C ASN A 209 0.32 4.21 -2.81
N ALA A 210 0.20 5.44 -3.30
CA ALA A 210 1.36 6.27 -3.62
C ALA A 210 1.87 6.99 -2.38
N PRO A 211 3.19 7.25 -2.33
CA PRO A 211 3.77 8.02 -1.23
C PRO A 211 3.24 9.44 -1.15
N VAL A 212 3.20 10.01 0.05
CA VAL A 212 2.66 11.35 0.26
C VAL A 212 3.55 12.18 1.17
N PHE A 213 3.89 13.39 0.70
CA PHE A 213 4.68 14.32 1.49
C PHE A 213 3.82 15.03 2.54
N ASP A 214 4.41 15.30 3.70
CA ASP A 214 3.69 15.96 4.78
C ASP A 214 3.25 17.37 4.36
N ARG A 215 4.11 18.05 3.63
CA ARG A 215 3.78 19.36 3.07
C ARG A 215 3.85 19.30 1.55
N SER A 216 2.79 19.74 0.89
CA SER A 216 2.73 19.73 -0.56
C SER A 216 3.56 20.86 -1.16
N LEU A 217 3.96 21.81 -0.31
CA LEU A 217 4.74 22.96 -0.76
C LEU A 217 5.73 23.43 0.30
N TYR A 218 7.01 23.44 -0.05
CA TYR A 218 8.05 23.92 0.87
C TYR A 218 8.63 25.24 0.37
N THR A 219 8.71 26.22 1.26
CA THR A 219 9.27 27.51 0.92
C THR A 219 10.44 27.84 1.84
N VAL A 220 11.65 27.82 1.27
CA VAL A 220 12.86 28.11 2.02
C VAL A 220 13.60 29.32 1.44
N LYS A 221 14.27 30.07 2.31
CA LYS A 221 15.08 31.21 1.87
C LYS A 221 16.56 30.87 1.98
N LEU A 222 17.30 31.17 0.92
CA LEU A 222 18.72 30.85 0.87
C LEU A 222 19.54 32.06 0.45
N PRO A 223 20.57 32.40 1.25
CA PRO A 223 21.48 33.50 0.90
C PRO A 223 22.27 33.20 -0.38
N GLU A 224 23.13 34.13 -0.77
CA GLU A 224 23.90 33.99 -1.99
C GLU A 224 25.30 33.47 -1.69
N ASN A 225 25.87 32.71 -2.63
CA ASN A 225 27.22 32.16 -2.52
C ASN A 225 27.44 31.32 -1.27
N VAL A 226 26.39 30.65 -0.81
CA VAL A 226 26.50 29.71 0.30
C VAL A 226 27.21 28.45 -0.16
N PRO A 227 28.25 28.02 0.59
CA PRO A 227 29.09 26.86 0.23
C PRO A 227 28.30 25.63 -0.20
N ASN A 228 28.83 24.90 -1.18
CA ASN A 228 28.18 23.70 -1.66
C ASN A 228 28.08 22.62 -0.59
N GLY A 229 26.91 22.02 -0.45
CA GLY A 229 26.66 21.04 0.58
C GLY A 229 25.78 21.59 1.69
N THR A 230 25.51 22.89 1.63
CA THR A 230 24.65 23.56 2.60
C THR A 230 23.23 23.02 2.54
N LEU A 231 22.71 22.59 3.68
CA LEU A 231 21.37 22.01 3.76
C LEU A 231 20.30 23.01 3.33
N VAL A 232 19.79 22.82 2.11
CA VAL A 232 18.71 23.66 1.61
C VAL A 232 17.39 23.30 2.28
N VAL A 233 17.07 22.01 2.31
CA VAL A 233 15.82 21.57 2.92
C VAL A 233 15.86 20.10 3.32
N LYS A 234 14.89 19.68 4.13
CA LYS A 234 14.75 18.28 4.51
C LYS A 234 13.30 17.84 4.33
N VAL A 235 13.07 16.96 3.36
CA VAL A 235 11.72 16.56 3.01
C VAL A 235 11.34 15.20 3.61
N ASN A 236 10.08 15.06 4.01
CA ASN A 236 9.58 13.80 4.54
C ASN A 236 8.36 13.30 3.77
N ALA A 237 8.41 12.03 3.38
CA ALA A 237 7.29 11.40 2.69
C ALA A 237 6.88 10.11 3.40
N SER A 238 5.60 9.77 3.32
CA SER A 238 5.09 8.56 3.95
C SER A 238 4.27 7.73 2.97
N ASP A 239 4.16 6.43 3.24
CA ASP A 239 3.41 5.53 2.38
C ASP A 239 2.78 4.41 3.19
N LEU A 240 1.51 4.10 2.88
CA LEU A 240 0.74 3.17 3.69
C LEU A 240 1.09 1.71 3.44
N ASP A 241 1.66 1.42 2.28
CA ASP A 241 2.05 0.05 1.95
C ASP A 241 3.28 -0.39 2.74
N GLU A 242 3.53 -1.69 2.76
CA GLU A 242 4.64 -2.24 3.54
C GLU A 242 5.68 -2.92 2.65
N GLY A 243 6.84 -3.21 3.23
CA GLY A 243 7.92 -3.84 2.50
C GLY A 243 8.58 -2.91 1.51
N VAL A 244 8.93 -3.43 0.33
CA VAL A 244 9.52 -2.63 -0.72
C VAL A 244 8.48 -1.69 -1.32
N ASN A 245 7.20 -2.00 -1.10
CA ASN A 245 6.12 -1.15 -1.56
C ASN A 245 5.94 0.05 -0.65
N GLY A 246 6.65 0.05 0.47
CA GLY A 246 6.58 1.14 1.43
C GLY A 246 7.80 2.02 1.44
N ASP A 247 8.97 1.44 1.12
CA ASP A 247 10.22 2.20 1.10
C ASP A 247 10.22 3.22 -0.04
N ILE A 248 10.65 4.45 0.27
CA ILE A 248 10.60 5.54 -0.69
C ILE A 248 11.98 6.07 -1.06
N MET A 249 12.20 6.22 -2.37
CA MET A 249 13.43 6.83 -2.90
C MET A 249 13.13 8.21 -3.46
N TYR A 250 13.95 9.19 -3.09
CA TYR A 250 13.72 10.57 -3.52
C TYR A 250 14.57 10.93 -4.75
N SER A 251 14.07 11.86 -5.54
CA SER A 251 14.79 12.34 -6.72
C SER A 251 14.23 13.66 -7.23
N PHE A 252 14.94 14.26 -8.19
CA PHE A 252 14.44 15.44 -8.88
C PHE A 252 13.62 15.01 -10.10
N SER A 253 12.53 15.72 -10.35
CA SER A 253 11.63 15.42 -11.47
C SER A 253 12.38 15.46 -12.80
N THR A 254 11.91 14.66 -13.75
CA THR A 254 12.54 14.57 -15.07
C THR A 254 12.35 15.86 -15.87
N ASP A 255 11.46 16.73 -15.39
CA ASP A 255 11.17 17.99 -16.06
C ASP A 255 11.93 19.16 -15.42
N ILE A 256 12.84 18.84 -14.51
CA ILE A 256 13.61 19.87 -13.82
C ILE A 256 14.54 20.59 -14.78
N SER A 257 14.78 21.87 -14.52
CA SER A 257 15.70 22.65 -15.33
C SER A 257 17.13 22.17 -15.11
N PRO A 258 17.89 22.04 -16.20
CA PRO A 258 19.28 21.55 -16.17
C PRO A 258 20.17 22.34 -15.20
N ASN A 259 20.03 23.66 -15.22
CA ASN A 259 20.77 24.51 -14.30
C ASN A 259 20.39 24.22 -12.85
N VAL A 260 19.11 23.98 -12.62
CA VAL A 260 18.62 23.64 -11.28
C VAL A 260 19.11 22.26 -10.87
N LYS A 261 19.12 21.34 -11.82
CA LYS A 261 19.61 19.98 -11.58
C LYS A 261 21.11 19.97 -11.33
N TYR A 262 21.80 21.02 -11.77
CA TYR A 262 23.23 21.11 -11.59
C TYR A 262 23.60 21.96 -10.38
N LYS A 263 22.63 22.72 -9.88
CA LYS A 263 22.87 23.62 -8.75
C LYS A 263 22.51 22.98 -7.41
N PHE A 264 21.65 21.97 -7.44
CA PHE A 264 21.20 21.32 -6.22
C PHE A 264 21.33 19.80 -6.30
N HIS A 265 21.53 19.17 -5.14
CA HIS A 265 21.57 17.71 -5.07
C HIS A 265 20.67 17.20 -3.97
N ILE A 266 19.98 16.08 -4.23
CA ILE A 266 19.04 15.53 -3.27
C ILE A 266 19.40 14.09 -2.88
N ASP A 267 19.42 13.83 -1.58
CA ASP A 267 19.68 12.49 -1.06
C ASP A 267 18.46 11.60 -1.32
N PRO A 268 18.65 10.51 -2.08
CA PRO A 268 17.55 9.59 -2.41
C PRO A 268 16.92 8.96 -1.17
N VAL A 269 17.70 8.78 -0.12
CA VAL A 269 17.21 8.17 1.11
C VAL A 269 16.80 9.21 2.14
N SER A 270 17.70 10.13 2.44
CA SER A 270 17.47 11.15 3.47
C SER A 270 16.40 12.15 3.03
N GLY A 271 16.38 12.47 1.74
CA GLY A 271 15.44 13.43 1.21
C GLY A 271 15.88 14.86 1.47
N GLU A 272 17.10 15.03 1.95
CA GLU A 272 17.63 16.36 2.23
C GLU A 272 18.33 16.96 1.00
N ILE A 273 17.81 18.09 0.55
CA ILE A 273 18.38 18.79 -0.59
C ILE A 273 19.42 19.78 -0.12
N ILE A 274 20.60 19.72 -0.75
CA ILE A 274 21.71 20.61 -0.43
C ILE A 274 22.25 21.31 -1.69
N VAL A 275 23.01 22.38 -1.46
CA VAL A 275 23.61 23.16 -2.54
C VAL A 275 24.72 22.39 -3.24
N LYS A 276 24.69 22.36 -4.57
CA LYS A 276 25.69 21.66 -5.35
C LYS A 276 26.62 22.63 -6.08
N GLY A 277 26.03 23.55 -6.84
CA GLY A 277 26.79 24.50 -7.62
C GLY A 277 26.70 25.92 -7.10
N TYR A 278 27.36 26.84 -7.80
CA TYR A 278 27.37 28.25 -7.41
C TYR A 278 25.99 28.88 -7.59
N ILE A 279 25.60 29.70 -6.62
CA ILE A 279 24.30 30.35 -6.67
C ILE A 279 24.44 31.88 -6.63
N ASP A 280 24.02 32.53 -7.71
CA ASP A 280 24.11 33.97 -7.83
C ASP A 280 22.73 34.62 -7.90
N PHE A 281 22.51 35.63 -7.07
CA PHE A 281 21.23 36.33 -7.05
C PHE A 281 21.01 37.13 -8.33
N GLU A 282 22.11 37.62 -8.91
CA GLU A 282 22.04 38.41 -10.13
C GLU A 282 21.83 37.55 -11.36
N GLU A 283 22.06 36.25 -11.22
CA GLU A 283 21.81 35.31 -12.32
C GLU A 283 20.42 34.71 -12.23
N CYS A 284 20.04 34.28 -11.03
CA CYS A 284 18.73 33.69 -10.82
C CYS A 284 18.16 34.08 -9.46
N LYS A 285 17.00 34.71 -9.46
CA LYS A 285 16.38 35.22 -8.24
C LYS A 285 15.78 34.11 -7.38
N SER A 286 15.34 33.03 -8.00
CA SER A 286 14.72 31.92 -7.28
C SER A 286 14.72 30.64 -8.09
N TYR A 287 14.34 29.54 -7.45
CA TYR A 287 14.24 28.26 -8.14
C TYR A 287 12.96 27.52 -7.75
N GLU A 288 12.37 26.83 -8.71
CA GLU A 288 11.18 26.03 -8.45
C GLU A 288 11.46 24.55 -8.74
N ILE A 289 11.74 23.80 -7.68
CA ILE A 289 12.18 22.41 -7.83
C ILE A 289 11.08 21.41 -7.54
N LEU A 290 10.72 20.60 -8.53
CA LEU A 290 9.78 19.51 -8.33
C LEU A 290 10.51 18.27 -7.82
N ILE A 291 10.03 17.74 -6.71
CA ILE A 291 10.65 16.57 -6.10
C ILE A 291 9.74 15.36 -6.17
N GLU A 292 10.29 14.27 -6.72
CA GLU A 292 9.56 13.01 -6.85
C GLU A 292 9.98 12.01 -5.77
N GLY A 293 8.98 11.44 -5.11
CA GLY A 293 9.20 10.34 -4.18
C GLY A 293 8.58 9.09 -4.75
N ILE A 294 9.39 8.08 -5.01
CA ILE A 294 8.90 6.88 -5.69
C ILE A 294 9.21 5.62 -4.88
N ASP A 295 8.21 4.77 -4.70
CA ASP A 295 8.39 3.55 -3.93
C ASP A 295 9.15 2.50 -4.72
N LYS A 296 9.40 1.34 -4.10
CA LYS A 296 10.22 0.30 -4.73
C LYS A 296 9.43 -0.97 -5.02
N GLY A 297 8.20 -0.81 -5.50
CA GLY A 297 7.37 -1.95 -5.84
C GLY A 297 7.57 -2.41 -7.26
N GLN A 298 6.88 -3.48 -7.65
CA GLN A 298 6.94 -3.99 -9.01
C GLN A 298 6.41 -2.95 -9.99
N LEU A 299 5.25 -2.39 -9.67
CA LEU A 299 4.71 -1.25 -10.40
C LEU A 299 4.81 -0.02 -9.51
N PRO A 300 5.88 0.77 -9.68
CA PRO A 300 6.19 1.92 -8.82
C PRO A 300 5.13 3.00 -8.86
N LEU A 301 4.81 3.57 -7.71
CA LEU A 301 3.93 4.73 -7.63
C LEU A 301 4.73 5.95 -7.15
N SER A 302 4.40 7.12 -7.67
CA SER A 302 5.16 8.32 -7.36
C SER A 302 4.29 9.45 -6.80
N GLY A 303 4.75 10.04 -5.69
CA GLY A 303 4.16 11.25 -5.16
C GLY A 303 5.09 12.41 -5.45
N HIS A 304 4.56 13.62 -5.41
CA HIS A 304 5.36 14.78 -5.79
C HIS A 304 5.16 15.96 -4.84
N CYS A 305 6.21 16.77 -4.68
CA CYS A 305 6.09 18.00 -3.90
C CYS A 305 6.84 19.14 -4.58
N LYS A 306 6.39 20.37 -4.33
CA LYS A 306 7.03 21.54 -4.93
C LYS A 306 7.85 22.29 -3.89
N VAL A 307 9.15 22.40 -4.12
CA VAL A 307 10.02 23.16 -3.23
C VAL A 307 10.58 24.38 -3.95
N ILE A 308 10.05 25.54 -3.59
CA ILE A 308 10.50 26.80 -4.17
C ILE A 308 11.44 27.52 -3.22
N VAL A 309 12.60 27.92 -3.73
CA VAL A 309 13.60 28.59 -2.91
C VAL A 309 13.89 29.99 -3.44
N GLN A 310 13.71 30.99 -2.57
CA GLN A 310 13.97 32.37 -2.93
C GLN A 310 15.39 32.77 -2.51
N VAL A 311 16.22 33.06 -3.50
CA VAL A 311 17.58 33.49 -3.23
C VAL A 311 17.58 34.89 -2.62
N GLU A 312 18.49 35.13 -1.68
CA GLU A 312 18.56 36.43 -1.02
C GLU A 312 19.84 37.18 -1.42
N ASP A 313 19.68 38.41 -1.87
CA ASP A 313 20.80 39.21 -2.35
C ASP A 313 21.75 39.62 -1.25
N ILE A 314 23.05 39.47 -1.51
CA ILE A 314 24.08 39.97 -0.62
C ILE A 314 24.91 41.02 -1.35
N ASN A 315 25.50 41.94 -0.59
CA ASN A 315 26.32 42.99 -1.19
C ASN A 315 27.68 42.46 -1.63
N ASP A 316 27.75 41.93 -2.84
CA ASP A 316 28.98 41.32 -3.33
C ASP A 316 29.40 41.89 -4.68
N ASN A 317 28.90 43.07 -5.01
CA ASN A 317 29.30 43.74 -6.25
C ASN A 317 29.79 45.16 -6.00
N VAL A 318 31.03 45.42 -6.38
CA VAL A 318 31.63 46.74 -6.23
C VAL A 318 31.03 47.69 -7.26
N PRO A 319 30.62 48.90 -6.82
CA PRO A 319 30.05 49.93 -7.70
C PRO A 319 30.94 50.25 -8.89
N GLU A 320 30.31 50.70 -9.98
CA GLU A 320 31.01 51.05 -11.20
C GLU A 320 30.92 52.55 -11.47
N LEU A 321 32.07 53.17 -11.76
CA LEU A 321 32.12 54.58 -12.12
C LEU A 321 32.51 54.73 -13.59
N GLU A 322 31.95 55.75 -14.25
CA GLU A 322 32.21 55.95 -15.67
C GLU A 322 32.10 57.41 -16.10
N PHE A 323 33.23 57.98 -16.54
CA PHE A 323 33.24 59.32 -17.10
C PHE A 323 32.72 59.30 -18.53
N LYS A 324 31.49 59.73 -18.72
CA LYS A 324 30.85 59.68 -20.03
C LYS A 324 31.13 60.93 -20.88
N SER A 325 31.54 62.00 -20.22
CA SER A 325 31.79 63.26 -20.93
C SER A 325 33.02 63.98 -20.38
N LEU A 326 33.61 64.83 -21.22
CA LEU A 326 34.78 65.63 -20.84
C LEU A 326 34.80 66.96 -21.58
N SER A 327 35.23 68.01 -20.89
CA SER A 327 35.40 69.31 -21.53
C SER A 327 36.78 69.87 -21.19
N LEU A 328 37.78 69.00 -21.22
CA LEU A 328 39.14 69.37 -20.86
C LEU A 328 40.00 69.58 -22.11
N PRO A 329 40.94 70.55 -22.05
CA PRO A 329 41.25 71.41 -20.89
C PRO A 329 40.21 72.52 -20.69
N ILE A 330 39.99 72.91 -19.43
CA ILE A 330 39.04 73.96 -19.11
C ILE A 330 39.70 75.34 -19.18
N ARG A 331 39.05 76.28 -19.86
CA ARG A 331 39.55 77.64 -19.96
C ARG A 331 39.51 78.31 -18.60
N GLU A 332 40.45 79.21 -18.35
CA GLU A 332 40.52 79.93 -17.07
C GLU A 332 39.36 80.92 -16.97
N ASN A 333 38.82 81.31 -18.12
CA ASN A 333 37.72 82.26 -18.20
C ASN A 333 36.39 81.65 -17.77
N SER A 334 36.35 80.32 -17.68
CA SER A 334 35.12 79.59 -17.36
C SER A 334 34.48 80.05 -16.06
N PRO A 335 33.20 80.45 -16.13
CA PRO A 335 32.42 80.94 -14.99
C PRO A 335 31.99 79.83 -14.04
N VAL A 336 31.42 80.22 -12.90
CA VAL A 336 30.91 79.27 -11.93
C VAL A 336 29.60 78.65 -12.43
N GLY A 337 29.63 77.35 -12.68
CA GLY A 337 28.46 76.64 -13.16
C GLY A 337 28.74 75.78 -14.37
N THR A 338 29.95 75.90 -14.91
CA THR A 338 30.35 75.13 -16.09
C THR A 338 30.51 73.66 -15.76
N VAL A 339 30.26 72.81 -16.74
CA VAL A 339 30.38 71.37 -16.54
C VAL A 339 31.69 70.85 -17.12
N ILE A 340 32.41 70.07 -16.31
CA ILE A 340 33.68 69.51 -16.73
C ILE A 340 33.50 68.07 -17.25
N ALA A 341 32.96 67.21 -16.40
CA ALA A 341 32.75 65.82 -16.76
C ALA A 341 31.39 65.32 -16.28
N LEU A 342 30.82 64.39 -17.04
CA LEU A 342 29.59 63.72 -16.62
C LEU A 342 29.94 62.37 -16.04
N ILE A 343 29.39 62.08 -14.86
CA ILE A 343 29.70 60.84 -14.16
C ILE A 343 28.50 59.90 -14.11
N SER A 344 28.74 58.63 -14.41
CA SER A 344 27.69 57.62 -14.32
C SER A 344 28.07 56.53 -13.33
N VAL A 345 27.11 56.15 -12.49
CA VAL A 345 27.35 55.15 -11.46
C VAL A 345 26.42 53.95 -11.63
N SER A 346 26.96 52.75 -11.43
CA SER A 346 26.15 51.53 -11.51
C SER A 346 26.41 50.60 -10.33
N ASP A 347 25.48 49.69 -10.07
CA ASP A 347 25.65 48.67 -9.04
C ASP A 347 24.79 47.46 -9.39
N ARG A 348 25.45 46.31 -9.58
CA ARG A 348 24.76 45.10 -10.00
C ARG A 348 23.83 44.53 -8.93
N ASP A 349 24.11 44.85 -7.67
CA ASP A 349 23.28 44.37 -6.57
C ASP A 349 21.92 45.06 -6.55
N THR A 350 21.13 44.75 -5.53
CA THR A 350 19.78 45.29 -5.41
C THR A 350 19.54 45.88 -4.03
N GLY A 351 18.52 46.74 -3.93
CA GLY A 351 18.17 47.36 -2.66
C GLY A 351 19.27 48.28 -2.16
N VAL A 352 19.44 48.31 -0.84
CA VAL A 352 20.46 49.15 -0.21
C VAL A 352 21.86 48.68 -0.59
N ASN A 353 21.97 47.40 -0.96
CA ASN A 353 23.23 46.84 -1.44
C ASN A 353 23.65 47.48 -2.76
N GLY A 354 22.69 48.10 -3.43
CA GLY A 354 22.95 48.75 -4.72
C GLY A 354 22.67 50.24 -4.71
N GLN A 355 22.52 50.83 -3.53
CA GLN A 355 22.33 52.28 -3.39
C GLN A 355 23.67 52.96 -3.17
N VAL A 356 24.18 53.62 -4.20
CA VAL A 356 25.51 54.20 -4.15
C VAL A 356 25.49 55.71 -3.94
N THR A 357 26.33 56.19 -3.02
CA THR A 357 26.52 57.61 -2.80
C THR A 357 27.91 58.02 -3.29
N CYS A 358 28.05 59.27 -3.72
CA CYS A 358 29.32 59.74 -4.27
C CYS A 358 29.89 60.94 -3.51
N SER A 359 31.21 60.97 -3.41
CA SER A 359 31.90 62.09 -2.79
C SER A 359 33.21 62.36 -3.54
N LEU A 360 33.99 63.30 -3.03
CA LEU A 360 35.24 63.68 -3.68
C LEU A 360 36.17 64.41 -2.72
N THR A 361 37.41 64.62 -3.14
CA THR A 361 38.38 65.36 -2.35
C THR A 361 37.94 66.82 -2.22
N SER A 362 38.09 67.37 -1.02
CA SER A 362 37.61 68.72 -0.74
C SER A 362 38.60 69.80 -1.16
N HIS A 363 39.82 69.40 -1.50
CA HIS A 363 40.85 70.35 -1.91
C HIS A 363 40.75 70.67 -3.40
N VAL A 364 39.52 70.77 -3.89
CA VAL A 364 39.27 71.01 -5.29
C VAL A 364 38.12 72.00 -5.45
N PRO A 365 38.32 73.04 -6.26
CA PRO A 365 37.30 74.08 -6.49
C PRO A 365 35.98 73.51 -7.03
N PHE A 366 36.06 72.44 -7.80
CA PHE A 366 34.90 71.89 -8.50
C PHE A 366 33.86 71.31 -7.53
N LYS A 367 32.65 71.11 -8.03
CA LYS A 367 31.53 70.64 -7.22
C LYS A 367 30.88 69.39 -7.83
N LEU A 368 30.25 68.58 -6.99
CA LEU A 368 29.55 67.39 -7.45
C LEU A 368 28.06 67.51 -7.18
N VAL A 369 27.24 67.34 -8.22
CA VAL A 369 25.81 67.52 -8.09
C VAL A 369 25.01 66.40 -8.77
N SER A 370 23.94 65.98 -8.12
CA SER A 370 23.08 64.92 -8.66
C SER A 370 22.07 65.51 -9.65
N THR A 371 22.18 65.09 -10.90
CA THR A 371 21.25 65.52 -11.94
C THR A 371 20.11 64.53 -12.10
N PHE A 372 20.44 63.25 -11.91
CA PHE A 372 19.47 62.17 -12.04
C PHE A 372 19.96 60.96 -11.24
N LYS A 373 19.11 59.95 -11.10
CA LYS A 373 19.46 58.74 -10.36
C LYS A 373 20.74 58.10 -10.88
N ASN A 374 21.72 57.96 -10.00
CA ASN A 374 23.03 57.39 -10.35
C ASN A 374 23.77 58.19 -11.42
N TYR A 375 23.48 59.49 -11.50
CA TYR A 375 24.14 60.35 -12.46
C TYR A 375 24.64 61.64 -11.80
N TYR A 376 25.91 61.95 -12.04
CA TYR A 376 26.52 63.14 -11.48
C TYR A 376 27.27 63.94 -12.54
N SER A 377 27.26 65.27 -12.40
CA SER A 377 28.07 66.12 -13.27
C SER A 377 29.06 66.90 -12.42
N LEU A 378 30.32 66.92 -12.85
CA LEU A 378 31.36 67.62 -12.13
C LEU A 378 31.36 69.10 -12.50
N VAL A 379 30.69 69.91 -11.69
CA VAL A 379 30.49 71.33 -11.99
C VAL A 379 31.54 72.21 -11.31
N LEU A 380 32.09 73.15 -12.06
CA LEU A 380 33.05 74.11 -11.52
C LEU A 380 32.42 75.03 -10.48
N ASP A 381 32.91 74.92 -9.25
CA ASP A 381 32.50 75.85 -8.19
C ASP A 381 33.67 76.79 -7.90
N SER A 382 33.35 78.00 -7.42
CA SER A 382 34.36 79.03 -7.18
C SER A 382 35.12 79.41 -8.45
N ALA A 383 36.13 80.26 -8.31
CA ALA A 383 36.90 80.73 -9.46
C ALA A 383 38.29 80.12 -9.51
N LEU A 384 39.01 80.37 -10.61
CA LEU A 384 40.32 79.79 -10.81
C LEU A 384 41.42 80.84 -10.98
N ASP A 385 42.65 80.37 -11.11
CA ASP A 385 43.80 81.23 -11.37
C ASP A 385 44.89 80.39 -12.04
N ARG A 386 45.02 80.53 -13.35
CA ARG A 386 45.84 79.66 -14.18
C ARG A 386 47.28 79.49 -13.68
N GLU A 387 47.94 80.61 -13.39
CA GLU A 387 49.34 80.58 -13.01
C GLU A 387 49.59 79.94 -11.65
N THR A 388 48.62 80.07 -10.75
CA THR A 388 48.74 79.49 -9.41
C THR A 388 48.76 77.96 -9.49
N THR A 389 47.63 77.39 -9.91
CA THR A 389 47.55 75.95 -10.14
C THR A 389 47.02 75.68 -11.55
N ALA A 390 47.88 75.13 -12.40
CA ALA A 390 47.52 74.87 -13.80
C ALA A 390 46.94 73.48 -13.97
N ASP A 391 46.95 72.69 -12.91
CA ASP A 391 46.46 71.32 -12.98
C ASP A 391 45.69 70.91 -11.72
N TYR A 392 44.83 69.90 -11.87
CA TYR A 392 44.07 69.37 -10.75
C TYR A 392 43.95 67.86 -10.86
N LYS A 393 43.64 67.20 -9.74
CA LYS A 393 43.47 65.76 -9.72
C LYS A 393 42.21 65.39 -8.93
N VAL A 394 41.09 65.31 -9.63
CA VAL A 394 39.80 65.08 -8.98
C VAL A 394 39.48 63.61 -8.81
N VAL A 395 39.59 63.13 -7.58
CA VAL A 395 39.26 61.74 -7.26
C VAL A 395 37.83 61.65 -6.74
N VAL A 396 37.04 60.79 -7.37
CA VAL A 396 35.64 60.63 -6.97
C VAL A 396 35.39 59.25 -6.39
N THR A 397 34.79 59.21 -5.21
CA THR A 397 34.55 57.95 -4.51
C THR A 397 33.06 57.56 -4.50
N ALA A 398 32.78 56.37 -5.03
CA ALA A 398 31.44 55.82 -5.02
C ALA A 398 31.35 54.69 -4.00
N ARG A 399 30.27 54.67 -3.21
CA ARG A 399 30.13 53.71 -2.12
C ARG A 399 28.69 53.29 -1.90
N ASP A 400 28.43 51.98 -2.00
CA ASP A 400 27.06 51.48 -1.83
C ASP A 400 26.66 51.45 -0.36
N GLY A 401 25.37 51.25 -0.10
CA GLY A 401 24.84 51.30 1.25
C GLY A 401 24.73 49.94 1.91
N GLY A 402 25.39 48.94 1.32
CA GLY A 402 25.36 47.59 1.86
C GLY A 402 26.06 47.49 3.20
N SER A 403 25.79 46.42 3.93
CA SER A 403 26.44 46.17 5.20
C SER A 403 27.06 44.77 5.23
N PRO A 404 28.38 44.68 5.03
CA PRO A 404 29.30 45.81 4.81
C PRO A 404 29.21 46.38 3.40
N SER A 405 29.90 47.48 3.16
CA SER A 405 29.77 48.19 1.90
C SER A 405 31.00 48.04 1.01
N LEU A 406 30.78 48.19 -0.30
CA LEU A 406 31.87 48.14 -1.27
C LEU A 406 32.03 49.50 -1.95
N TRP A 407 33.27 49.85 -2.27
CA TRP A 407 33.56 51.17 -2.82
C TRP A 407 34.51 51.12 -4.01
N ALA A 408 34.41 52.12 -4.87
CA ALA A 408 35.29 52.23 -6.03
C ALA A 408 35.61 53.69 -6.33
N THR A 409 36.79 53.95 -6.88
CA THR A 409 37.21 55.32 -7.15
C THR A 409 37.34 55.62 -8.64
N ALA A 410 37.46 56.90 -8.95
CA ALA A 410 37.72 57.34 -10.33
C ALA A 410 38.32 58.74 -10.33
N SER A 411 39.59 58.84 -10.71
CA SER A 411 40.28 60.13 -10.73
C SER A 411 40.33 60.71 -12.14
N VAL A 412 40.45 62.03 -12.23
CA VAL A 412 40.61 62.70 -13.51
C VAL A 412 41.59 63.86 -13.39
N SER A 413 42.51 63.96 -14.34
CA SER A 413 43.50 65.03 -14.39
C SER A 413 42.92 66.25 -15.11
N VAL A 414 42.54 67.27 -14.34
CA VAL A 414 41.92 68.45 -14.90
C VAL A 414 42.94 69.56 -15.20
N GLU A 415 43.36 69.65 -16.44
CA GLU A 415 44.29 70.70 -16.86
C GLU A 415 43.53 71.98 -17.22
N VAL A 416 44.08 73.12 -16.81
CA VAL A 416 43.47 74.40 -17.10
C VAL A 416 44.16 75.06 -18.30
N ALA A 417 43.36 75.60 -19.21
CA ALA A 417 43.89 76.26 -20.40
C ALA A 417 44.50 77.61 -20.05
C1 MAN B . 40.50 55.08 -7.68
C2 MAN B . 41.17 53.86 -8.33
C3 MAN B . 42.21 53.25 -7.37
C4 MAN B . 43.14 54.33 -6.81
C5 MAN B . 42.31 55.42 -6.13
C6 MAN B . 43.16 56.55 -5.59
O2 MAN B . 41.89 54.21 -9.51
O3 MAN B . 42.97 52.23 -8.01
O4 MAN B . 44.03 53.76 -5.87
O5 MAN B . 41.41 55.99 -7.10
O6 MAN B . 43.61 57.33 -6.68
C1 MAN C . 43.93 59.53 -10.69
C2 MAN C . 44.62 60.90 -10.75
C3 MAN C . 45.14 61.17 -12.17
C4 MAN C . 45.96 59.98 -12.69
C5 MAN C . 45.11 58.70 -12.61
C6 MAN C . 45.84 57.46 -13.08
O2 MAN C . 45.76 60.95 -9.90
O3 MAN C . 45.91 62.36 -12.24
O4 MAN C . 46.35 60.21 -14.04
O5 MAN C . 44.71 58.50 -11.25
O6 MAN C . 44.92 56.37 -13.09
C1 MAN D . 46.63 65.67 -14.16
C2 MAN D . 47.49 66.88 -14.56
C3 MAN D . 48.41 66.52 -15.72
C4 MAN D . 49.21 65.27 -15.41
C5 MAN D . 48.26 64.10 -15.10
C6 MAN D . 48.98 62.83 -14.69
O2 MAN D . 48.38 67.26 -13.49
O3 MAN D . 49.28 67.60 -16.06
O4 MAN D . 50.02 64.92 -16.53
O5 MAN D . 47.37 64.47 -14.00
O6 MAN D . 50.13 62.69 -15.52
C1 NAG E . 8.83 11.11 8.50
C2 NAG E . 9.52 11.39 9.83
C3 NAG E . 8.92 10.54 10.94
C4 NAG E . 7.43 10.83 11.07
C5 NAG E . 6.73 10.57 9.74
C6 NAG E . 5.93 11.75 9.22
C7 NAG E . 11.85 12.15 9.74
C8 NAG E . 13.28 11.72 9.62
N2 NAG E . 10.95 11.16 9.73
O3 NAG E . 9.57 10.83 12.17
O4 NAG E . 6.85 10.01 12.07
O5 NAG E . 7.67 10.21 8.72
O6 NAG E . 5.03 11.35 8.20
O7 NAG E . 11.52 13.33 9.84
CA CA F . -25.35 -43.48 9.53
CA CA G . -23.73 -45.10 12.05
CA CA H . -24.89 -37.31 8.67
CA CA I . -1.42 -1.73 0.02
CA CA J . -4.03 -0.38 -0.23
CA CA K . 3.24 2.09 -2.24
CA CA L . 25.92 38.99 -6.75
CA CA M . 24.18 40.37 -5.03
CA CA N . 26.86 46.50 -4.35
#